data_6UQU
#
_entry.id   6UQU
#
_cell.length_a   44.993
_cell.length_b   71.912
_cell.length_c   105.129
_cell.angle_alpha   90.000
_cell.angle_beta   90.000
_cell.angle_gamma   90.000
#
_symmetry.space_group_name_H-M   'P 21 21 21'
#
loop_
_entity.id
_entity.type
_entity.pdbx_description
1 polymer Beta-lactamase
2 non-polymer 'PHENYL BORONIC ACID'
3 non-polymer 'CHLORIDE ION'
4 water water
#
_entity_poly.entity_id   1
_entity_poly.type   'polypeptide(L)'
_entity_poly.pdbx_seq_one_letter_code
;GSKLGEAPADRLKALVDAAVQPVMKANDIPGLAVAISLKGEPHYFSYGLASKEDGRRVTPETLFEIGSVSKTFTATLAGY
ALTQDKMRLDDRASQHWPALQGSRFDGISLLDLATYTAGGLPLQFPDSVQKDQAQIRDYYRQWQPTYAPGSQRLYSNPSI
GLFGYLAARSLGQPFERLMEQQVFPALGLEQTHLDVPEAALAQYAQGYGKDDRPLRVGPGPLDAEGYGVKTSAADLLRFV
DANLHPERLDRPWAQALDATHRGYYKVGDMTQGLGWEAYDWPISLKRLQAGNSTPMALQPHRIARLPAPQALEGQRLLNK
TGSTNGFGAYVAFVPGRDLGLVILANRNYPNAERVKIAYAILSGLEQQGKVPLKA
;
_entity_poly.pdbx_strand_id   A
#
loop_
_chem_comp.id
_chem_comp.type
_chem_comp.name
_chem_comp.formula
CL non-polymer 'CHLORIDE ION' 'Cl -1'
PBC non-polymer 'PHENYL BORONIC ACID' 'C6 H7 B O2'
#
# COMPACT_ATOMS: atom_id res chain seq x y z
N GLY A 5 1.94 20.48 30.36
CA GLY A 5 3.14 21.24 29.87
C GLY A 5 3.34 21.19 28.36
N GLU A 6 4.32 21.94 27.86
CA GLU A 6 4.65 21.89 26.41
C GLU A 6 5.72 20.87 26.08
N ALA A 7 6.12 20.07 27.08
CA ALA A 7 7.19 19.15 26.97
C ALA A 7 6.83 18.00 25.99
N PRO A 8 5.65 17.36 26.12
CA PRO A 8 5.36 16.22 25.20
C PRO A 8 5.28 16.60 23.70
N ALA A 9 4.56 17.68 23.39
CA ALA A 9 4.51 18.18 22.02
C ALA A 9 5.88 18.62 21.55
N ASP A 10 6.69 19.22 22.41
CA ASP A 10 8.04 19.61 22.06
C ASP A 10 8.87 18.36 21.78
N ARG A 11 8.74 17.34 22.63
CA ARG A 11 9.51 16.12 22.45
C ARG A 11 9.14 15.42 21.13
N LEU A 12 7.85 15.39 20.82
CA LEU A 12 7.42 14.71 19.60
C LEU A 12 7.95 15.46 18.39
N LYS A 13 7.83 16.79 18.36
CA LYS A 13 8.36 17.53 17.23
CA LYS A 13 8.36 17.59 17.26
C LYS A 13 9.86 17.31 17.09
N ALA A 14 10.60 17.32 18.22
CA ALA A 14 12.03 17.09 18.14
C ALA A 14 12.35 15.71 17.55
N LEU A 15 11.61 14.70 18.00
CA LEU A 15 11.79 13.31 17.54
C LEU A 15 11.57 13.21 16.02
N VAL A 16 10.46 13.76 15.57
CA VAL A 16 10.09 13.65 14.15
C VAL A 16 11.06 14.47 13.30
N ASP A 17 11.36 15.71 13.72
CA ASP A 17 12.35 16.53 13.00
C ASP A 17 13.70 15.80 12.87
N ALA A 18 14.14 15.20 13.96
CA ALA A 18 15.45 14.53 13.96
C ALA A 18 15.47 13.33 13.02
N ALA A 19 14.32 12.66 12.87
CA ALA A 19 14.20 11.52 11.96
C ALA A 19 14.12 11.97 10.50
N VAL A 20 13.33 13.02 10.25
CA VAL A 20 12.99 13.43 8.90
C VAL A 20 14.05 14.31 8.26
N GLN A 21 14.52 15.32 8.97
CA GLN A 21 15.32 16.36 8.36
C GLN A 21 16.59 15.83 7.66
N PRO A 22 17.37 14.97 8.31
CA PRO A 22 18.57 14.49 7.61
C PRO A 22 18.25 13.63 6.41
N VAL A 23 17.18 12.83 6.49
CA VAL A 23 16.80 11.99 5.36
C VAL A 23 16.32 12.84 4.17
N MET A 24 15.56 13.91 4.44
CA MET A 24 15.19 14.81 3.34
C MET A 24 16.38 15.43 2.67
N LYS A 25 17.35 15.87 3.46
CA LYS A 25 18.55 16.46 2.88
C LYS A 25 19.35 15.44 2.09
N ALA A 26 19.53 14.26 2.68
CA ALA A 26 20.38 13.25 2.06
C ALA A 26 19.81 12.70 0.78
N ASN A 27 18.49 12.72 0.64
CA ASN A 27 17.83 12.19 -0.54
C ASN A 27 17.22 13.29 -1.41
N ASP A 28 17.54 14.55 -1.09
CA ASP A 28 17.05 15.72 -1.85
C ASP A 28 15.53 15.64 -2.06
N ILE A 29 14.81 15.37 -0.98
CA ILE A 29 13.35 15.24 -1.07
C ILE A 29 12.74 16.66 -1.01
N PRO A 30 11.98 17.08 -2.03
CA PRO A 30 11.47 18.46 -1.95
C PRO A 30 10.45 18.67 -0.83
N GLY A 31 9.52 17.73 -0.68
CA GLY A 31 8.44 17.85 0.27
C GLY A 31 8.08 16.52 0.88
N LEU A 32 7.68 16.55 2.15
CA LEU A 32 7.38 15.33 2.87
C LEU A 32 6.38 15.64 3.95
N ALA A 33 5.36 14.79 4.07
CA ALA A 33 4.35 14.88 5.11
C ALA A 33 4.39 13.65 6.01
N VAL A 34 4.36 13.89 7.31
CA VAL A 34 4.25 12.85 8.31
C VAL A 34 2.92 12.98 9.01
N ALA A 35 2.26 11.87 9.26
CA ALA A 35 1.12 11.83 10.16
C ALA A 35 1.30 10.64 11.10
N ILE A 36 1.04 10.86 12.38
CA ILE A 36 1.23 9.86 13.42
C ILE A 36 -0.05 9.76 14.22
N SER A 37 -0.45 8.52 14.51
CA SER A 37 -1.55 8.23 15.42
C SER A 37 -0.94 7.63 16.67
N LEU A 38 -1.14 8.30 17.81
CA LEU A 38 -0.50 7.94 19.07
C LEU A 38 -1.55 8.08 20.17
N LYS A 39 -1.83 7.04 20.93
CA LYS A 39 -2.79 7.15 22.07
C LYS A 39 -4.17 7.70 21.62
N GLY A 40 -4.60 7.35 20.41
CA GLY A 40 -5.88 7.79 19.87
C GLY A 40 -5.95 9.23 19.41
N GLU A 41 -4.79 9.85 19.18
CA GLU A 41 -4.73 11.24 18.75
C GLU A 41 -3.81 11.36 17.54
N PRO A 42 -4.21 12.17 16.57
CA PRO A 42 -3.38 12.39 15.40
C PRO A 42 -2.42 13.56 15.60
N HIS A 43 -1.25 13.45 14.97
CA HIS A 43 -0.23 14.50 15.01
C HIS A 43 0.34 14.61 13.61
N TYR A 44 0.50 15.84 13.13
CA TYR A 44 0.97 16.08 11.77
C TYR A 44 2.22 16.93 11.78
N PHE A 45 3.14 16.60 10.87
CA PHE A 45 4.38 17.36 10.68
C PHE A 45 4.59 17.45 9.19
N SER A 46 4.73 18.66 8.67
CA SER A 46 4.86 18.91 7.24
C SER A 46 6.17 19.62 6.96
N TYR A 47 6.84 19.21 5.88
CA TYR A 47 8.16 19.71 5.56
C TYR A 47 8.25 20.08 4.08
N GLY A 48 8.89 21.20 3.77
CA GLY A 48 9.25 21.48 2.41
C GLY A 48 8.11 21.78 1.48
N LEU A 49 8.39 21.51 0.21
CA LEU A 49 7.63 22.04 -0.91
C LEU A 49 6.90 20.94 -1.66
N ALA A 50 5.61 21.14 -1.83
CA ALA A 50 4.79 20.30 -2.71
C ALA A 50 5.12 20.56 -4.17
N SER A 51 5.44 21.81 -4.51
CA SER A 51 5.92 22.19 -5.83
C SER A 51 7.01 23.22 -5.66
N LYS A 52 8.21 22.89 -6.16
CA LYS A 52 9.32 23.84 -6.11
C LYS A 52 9.07 25.06 -6.96
N GLU A 53 8.48 24.86 -8.13
CA GLU A 53 8.36 25.94 -9.11
C GLU A 53 7.44 27.04 -8.65
N ASP A 54 6.36 26.70 -7.95
CA ASP A 54 5.45 27.75 -7.46
C ASP A 54 5.55 27.99 -5.97
N GLY A 55 6.48 27.30 -5.31
CA GLY A 55 6.72 27.54 -3.90
C GLY A 55 5.63 27.07 -2.96
N ARG A 56 4.76 26.18 -3.40
CA ARG A 56 3.64 25.72 -2.58
CA ARG A 56 3.65 25.73 -2.57
C ARG A 56 4.18 24.75 -1.52
N ARG A 57 3.90 25.02 -0.25
CA ARG A 57 4.39 24.20 0.85
C ARG A 57 3.50 22.96 1.03
N VAL A 58 4.12 21.88 1.47
CA VAL A 58 3.39 20.71 1.93
C VAL A 58 2.58 21.03 3.18
N THR A 59 1.37 20.48 3.24
CA THR A 59 0.51 20.53 4.41
C THR A 59 -0.05 19.11 4.63
N PRO A 60 -0.79 18.88 5.71
CA PRO A 60 -1.41 17.58 5.91
C PRO A 60 -2.53 17.26 4.92
N GLU A 61 -2.92 18.25 4.10
CA GLU A 61 -3.91 18.06 3.03
C GLU A 61 -3.31 17.93 1.64
N THR A 62 -2.00 18.10 1.49
CA THR A 62 -1.38 17.90 0.19
C THR A 62 -1.60 16.47 -0.26
N LEU A 63 -1.95 16.32 -1.53
CA LEU A 63 -2.13 14.99 -2.12
C LEU A 63 -0.81 14.50 -2.69
N PHE A 64 -0.47 13.27 -2.31
CA PHE A 64 0.71 12.57 -2.83
C PHE A 64 0.24 11.29 -3.53
N GLU A 65 0.98 10.85 -4.53
CA GLU A 65 0.84 9.48 -5.02
C GLU A 65 1.41 8.55 -3.99
N ILE A 66 0.66 7.50 -3.65
CA ILE A 66 1.13 6.51 -2.69
C ILE A 66 1.57 5.21 -3.35
N GLY A 67 1.49 5.13 -4.66
CA GLY A 67 2.01 3.95 -5.35
C GLY A 67 1.42 2.68 -4.78
N SER A 68 2.27 1.68 -4.57
CA SER A 68 1.81 0.39 -4.08
C SER A 68 1.21 0.34 -2.71
N VAL A 69 1.22 1.43 -1.92
CA VAL A 69 0.36 1.43 -0.75
C VAL A 69 -1.10 1.25 -1.18
N SER A 70 -1.41 1.62 -2.42
CA SER A 70 -2.75 1.37 -3.00
C SER A 70 -3.17 -0.09 -2.90
N LYS A 71 -2.20 -1.00 -2.92
CA LYS A 71 -2.50 -2.44 -2.83
C LYS A 71 -3.23 -2.79 -1.54
N THR A 72 -3.04 -2.00 -0.48
CA THR A 72 -3.78 -2.24 0.77
C THR A 72 -5.25 -1.82 0.66
N PHE A 73 -5.53 -0.77 -0.13
CA PHE A 73 -6.90 -0.42 -0.46
C PHE A 73 -7.54 -1.50 -1.34
N THR A 74 -6.82 -1.97 -2.34
CA THR A 74 -7.28 -3.06 -3.18
C THR A 74 -7.61 -4.28 -2.35
N ALA A 75 -6.72 -4.62 -1.42
CA ALA A 75 -6.93 -5.76 -0.54
C ALA A 75 -8.19 -5.58 0.31
N THR A 76 -8.49 -4.34 0.73
CA THR A 76 -9.67 -4.06 1.53
C THR A 76 -10.94 -4.30 0.70
N LEU A 77 -10.94 -3.86 -0.55
CA LEU A 77 -12.07 -4.16 -1.42
CA LEU A 77 -12.05 -4.15 -1.45
C LEU A 77 -12.25 -5.66 -1.61
N ALA A 78 -11.16 -6.38 -1.81
CA ALA A 78 -11.23 -7.82 -1.88
C ALA A 78 -11.75 -8.42 -0.58
N GLY A 79 -11.33 -7.88 0.55
CA GLY A 79 -11.81 -8.35 1.84
C GLY A 79 -13.32 -8.19 1.96
N TYR A 80 -13.84 -7.11 1.41
CA TYR A 80 -15.28 -6.92 1.36
C TYR A 80 -15.95 -7.97 0.47
N ALA A 81 -15.39 -8.23 -0.72
CA ALA A 81 -15.95 -9.28 -1.59
C ALA A 81 -15.95 -10.66 -0.91
N LEU A 82 -14.85 -10.96 -0.20
CA LEU A 82 -14.65 -12.26 0.47
C LEU A 82 -15.65 -12.45 1.58
N THR A 83 -15.78 -11.44 2.42
CA THR A 83 -16.56 -11.63 3.60
C THR A 83 -18.08 -11.43 3.27
N GLN A 84 -18.41 -10.87 2.10
CA GLN A 84 -19.75 -10.92 1.50
C GLN A 84 -20.06 -12.17 0.66
N ASP A 85 -19.17 -13.14 0.67
CA ASP A 85 -19.37 -14.42 -0.04
C ASP A 85 -19.50 -14.30 -1.55
N LYS A 86 -18.87 -13.28 -2.14
CA LYS A 86 -18.84 -13.14 -3.59
C LYS A 86 -17.67 -13.88 -4.22
N MET A 87 -16.65 -14.17 -3.44
CA MET A 87 -15.50 -14.92 -3.89
C MET A 87 -14.91 -15.59 -2.67
N ARG A 88 -14.03 -16.55 -2.91
CA ARG A 88 -13.27 -17.22 -1.88
C ARG A 88 -11.82 -17.22 -2.34
N LEU A 89 -10.90 -17.17 -1.38
CA LEU A 89 -9.47 -17.15 -1.71
C LEU A 89 -9.01 -18.39 -2.48
N ASP A 90 -9.63 -19.56 -2.28
CA ASP A 90 -9.24 -20.76 -3.01
C ASP A 90 -9.95 -20.91 -4.37
N ASP A 91 -10.79 -19.95 -4.74
CA ASP A 91 -11.35 -19.96 -6.10
C ASP A 91 -10.24 -19.88 -7.11
N ARG A 92 -10.43 -20.55 -8.24
CA ARG A 92 -9.54 -20.36 -9.38
C ARG A 92 -9.85 -19.02 -10.01
N ALA A 93 -8.81 -18.34 -10.47
CA ALA A 93 -8.98 -17.03 -11.07
C ALA A 93 -9.98 -17.06 -12.23
N SER A 94 -9.94 -18.10 -13.06
CA SER A 94 -10.82 -18.14 -14.23
C SER A 94 -12.29 -18.32 -13.87
N GLN A 95 -12.60 -18.64 -12.61
CA GLN A 95 -14.00 -18.68 -12.18
C GLN A 95 -14.64 -17.29 -12.18
N HIS A 96 -13.83 -16.22 -12.22
CA HIS A 96 -14.32 -14.86 -12.11
C HIS A 96 -14.19 -14.01 -13.38
N TRP A 97 -13.68 -14.59 -14.45
CA TRP A 97 -13.53 -13.86 -15.73
C TRP A 97 -13.53 -14.90 -16.84
N PRO A 98 -14.64 -15.00 -17.61
CA PRO A 98 -14.70 -16.05 -18.64
C PRO A 98 -13.59 -16.04 -19.66
N ALA A 99 -13.04 -14.85 -19.96
CA ALA A 99 -11.89 -14.74 -20.85
C ALA A 99 -10.71 -15.59 -20.41
N LEU A 100 -10.58 -15.81 -19.11
CA LEU A 100 -9.49 -16.63 -18.60
C LEU A 100 -9.72 -18.12 -18.61
N GLN A 101 -10.94 -18.58 -18.88
CA GLN A 101 -11.18 -20.03 -18.98
C GLN A 101 -10.34 -20.62 -20.10
N GLY A 102 -9.70 -21.76 -19.84
CA GLY A 102 -8.80 -22.39 -20.81
C GLY A 102 -7.35 -21.92 -20.75
N SER A 103 -7.10 -20.88 -19.95
CA SER A 103 -5.75 -20.38 -19.77
C SER A 103 -5.14 -21.03 -18.53
N ARG A 104 -3.89 -20.69 -18.25
CA ARG A 104 -3.25 -21.21 -17.03
C ARG A 104 -3.90 -20.68 -15.75
N PHE A 105 -4.74 -19.64 -15.87
CA PHE A 105 -5.50 -19.14 -14.73
C PHE A 105 -6.62 -20.08 -14.28
N ASP A 106 -6.87 -21.16 -15.03
CA ASP A 106 -7.66 -22.27 -14.50
C ASP A 106 -7.01 -22.94 -13.28
N GLY A 107 -5.69 -22.81 -13.12
CA GLY A 107 -4.96 -23.51 -12.07
C GLY A 107 -4.27 -22.60 -11.08
N ILE A 108 -4.72 -21.35 -11.01
CA ILE A 108 -4.11 -20.31 -10.15
C ILE A 108 -5.22 -19.77 -9.27
N SER A 109 -4.98 -19.71 -7.97
CA SER A 109 -6.01 -19.27 -7.02
C SER A 109 -6.00 -17.75 -6.87
N LEU A 110 -7.10 -17.24 -6.33
CA LEU A 110 -7.14 -15.83 -5.96
C LEU A 110 -6.08 -15.51 -4.90
N LEU A 111 -5.87 -16.40 -3.94
CA LEU A 111 -4.82 -16.21 -2.93
C LEU A 111 -3.44 -16.08 -3.60
N ASP A 112 -3.16 -16.95 -4.58
CA ASP A 112 -1.90 -16.86 -5.32
C ASP A 112 -1.72 -15.48 -5.92
N LEU A 113 -2.75 -14.98 -6.55
CA LEU A 113 -2.65 -13.64 -7.16
C LEU A 113 -2.41 -12.57 -6.10
N ALA A 114 -3.18 -12.62 -5.02
CA ALA A 114 -3.10 -11.61 -3.99
C ALA A 114 -1.72 -11.53 -3.35
N THR A 115 -1.07 -12.67 -3.19
CA THR A 115 0.16 -12.79 -2.43
C THR A 115 1.37 -13.11 -3.31
N TYR A 116 1.24 -12.86 -4.60
CA TYR A 116 2.38 -12.84 -5.51
C TYR A 116 2.98 -14.22 -5.74
N THR A 117 2.18 -15.28 -5.61
CA THR A 117 2.67 -16.64 -5.75
C THR A 117 2.07 -17.38 -6.93
N ALA A 118 1.60 -16.66 -7.95
CA ALA A 118 0.98 -17.31 -9.11
C ALA A 118 1.96 -18.08 -10.00
N GLY A 119 3.26 -17.84 -9.82
CA GLY A 119 4.29 -18.56 -10.55
C GLY A 119 5.12 -17.69 -11.47
N GLY A 120 5.42 -16.45 -11.04
CA GLY A 120 6.35 -15.63 -11.75
C GLY A 120 5.77 -14.50 -12.55
N LEU A 121 4.52 -14.09 -12.28
CA LEU A 121 4.04 -12.85 -12.89
C LEU A 121 5.05 -11.75 -12.52
N PRO A 122 5.41 -10.91 -13.49
CA PRO A 122 6.55 -10.01 -13.29
C PRO A 122 6.18 -8.78 -12.45
N LEU A 123 7.20 -8.03 -12.08
CA LEU A 123 7.02 -6.83 -11.28
C LEU A 123 5.99 -5.92 -11.90
N GLN A 124 6.15 -5.65 -13.19
CA GLN A 124 5.29 -4.76 -13.94
C GLN A 124 4.77 -5.48 -15.18
N PHE A 125 3.63 -5.03 -15.69
CA PHE A 125 3.24 -5.43 -17.05
C PHE A 125 4.38 -5.05 -17.98
N PRO A 126 4.67 -5.85 -19.02
CA PRO A 126 5.64 -5.43 -20.02
C PRO A 126 5.13 -4.20 -20.73
N ASP A 127 6.06 -3.47 -21.30
CA ASP A 127 5.73 -2.24 -21.99
C ASP A 127 4.81 -2.46 -23.19
N SER A 128 4.78 -3.67 -23.74
CA SER A 128 3.86 -4.03 -24.82
C SER A 128 2.39 -4.05 -24.42
N VAL A 129 2.10 -3.99 -23.11
CA VAL A 129 0.73 -3.99 -22.64
C VAL A 129 0.40 -2.58 -22.16
N GLN A 130 -0.45 -1.89 -22.93
CA GLN A 130 -0.93 -0.56 -22.59
C GLN A 130 -2.20 -0.66 -21.73
N LYS A 131 -2.68 0.49 -21.27
CA LYS A 131 -3.93 0.55 -20.52
C LYS A 131 -5.07 0.36 -21.50
N ASP A 132 -5.45 -0.89 -21.71
CA ASP A 132 -6.42 -1.26 -22.72
C ASP A 132 -6.92 -2.63 -22.32
N GLN A 133 -8.23 -2.74 -22.22
CA GLN A 133 -8.89 -3.96 -21.79
C GLN A 133 -8.47 -5.17 -22.60
N ALA A 134 -8.44 -5.03 -23.92
CA ALA A 134 -8.14 -6.15 -24.77
C ALA A 134 -6.70 -6.60 -24.59
N GLN A 135 -5.78 -5.65 -24.49
CA GLN A 135 -4.39 -5.99 -24.30
C GLN A 135 -4.15 -6.71 -22.97
N ILE A 136 -4.82 -6.25 -21.93
CA ILE A 136 -4.66 -6.85 -20.61
C ILE A 136 -5.23 -8.29 -20.63
N ARG A 137 -6.43 -8.44 -21.17
CA ARG A 137 -7.04 -9.75 -21.38
C ARG A 137 -6.09 -10.69 -22.11
N ASP A 138 -5.54 -10.22 -23.23
CA ASP A 138 -4.68 -11.07 -24.02
C ASP A 138 -3.40 -11.45 -23.30
N TYR A 139 -2.85 -10.51 -22.54
CA TYR A 139 -1.67 -10.76 -21.76
C TYR A 139 -1.89 -11.93 -20.79
N TYR A 140 -2.96 -11.89 -20.01
CA TYR A 140 -3.19 -12.97 -19.06
C TYR A 140 -3.53 -14.27 -19.76
N ARG A 141 -4.29 -14.21 -20.87
CA ARG A 141 -4.65 -15.44 -21.55
C ARG A 141 -3.44 -16.23 -22.00
N GLN A 142 -2.38 -15.53 -22.41
CA GLN A 142 -1.19 -16.18 -22.96
C GLN A 142 -0.13 -16.51 -21.91
N TRP A 143 -0.23 -15.97 -20.70
CA TRP A 143 0.84 -16.07 -19.74
C TRP A 143 0.94 -17.47 -19.16
N GLN A 144 2.17 -17.95 -18.97
CA GLN A 144 2.42 -19.27 -18.41
C GLN A 144 3.37 -19.18 -17.23
N PRO A 145 3.09 -19.90 -16.13
CA PRO A 145 3.99 -19.86 -14.98
C PRO A 145 5.41 -20.37 -15.27
N THR A 146 6.39 -19.74 -14.65
CA THR A 146 7.76 -20.19 -14.64
C THR A 146 7.98 -21.31 -13.63
N TYR A 147 7.18 -21.34 -12.58
CA TYR A 147 7.29 -22.36 -11.53
C TYR A 147 5.90 -22.53 -10.93
N ALA A 148 5.72 -23.59 -10.17
CA ALA A 148 4.41 -24.00 -9.73
C ALA A 148 3.72 -22.87 -8.95
N PRO A 149 2.45 -22.57 -9.27
CA PRO A 149 1.69 -21.70 -8.42
C PRO A 149 1.73 -22.15 -6.94
N GLY A 150 1.85 -21.20 -6.04
CA GLY A 150 1.86 -21.45 -4.62
C GLY A 150 3.22 -21.63 -4.01
N SER A 151 4.31 -21.61 -4.81
CA SER A 151 5.62 -22.00 -4.31
C SER A 151 6.61 -20.85 -4.07
N GLN A 152 6.56 -19.81 -4.91
CA GLN A 152 7.54 -18.73 -4.85
C GLN A 152 6.86 -17.38 -4.93
N ARG A 153 7.31 -16.47 -4.08
CA ARG A 153 6.84 -15.10 -4.09
C ARG A 153 7.70 -14.29 -5.06
N LEU A 154 7.07 -13.62 -6.01
CA LEU A 154 7.75 -12.64 -6.85
C LEU A 154 6.82 -11.43 -6.85
N TYR A 155 7.25 -10.37 -6.16
CA TYR A 155 6.41 -9.19 -5.99
C TYR A 155 5.97 -8.67 -7.35
N SER A 156 4.67 -8.39 -7.50
CA SER A 156 4.11 -8.21 -8.83
C SER A 156 2.84 -7.37 -8.87
N ASN A 157 2.90 -6.31 -9.67
CA ASN A 157 1.71 -5.51 -9.95
C ASN A 157 0.64 -6.26 -10.77
N PRO A 158 1.01 -6.95 -11.88
CA PRO A 158 -0.03 -7.68 -12.58
C PRO A 158 -0.67 -8.78 -11.74
N SER A 159 0.03 -9.32 -10.74
CA SER A 159 -0.55 -10.34 -9.89
C SER A 159 -1.67 -9.78 -9.00
N ILE A 160 -1.34 -8.86 -8.11
CA ILE A 160 -2.35 -8.35 -7.20
C ILE A 160 -3.31 -7.40 -7.94
N GLY A 161 -2.86 -6.83 -9.06
CA GLY A 161 -3.80 -6.07 -9.89
C GLY A 161 -4.93 -6.96 -10.39
N LEU A 162 -4.59 -8.14 -10.89
CA LEU A 162 -5.62 -9.07 -11.34
C LEU A 162 -6.51 -9.49 -10.17
N PHE A 163 -5.93 -9.72 -9.00
CA PHE A 163 -6.75 -10.01 -7.82
C PHE A 163 -7.80 -8.93 -7.59
N GLY A 164 -7.40 -7.66 -7.62
CA GLY A 164 -8.36 -6.58 -7.46
C GLY A 164 -9.41 -6.50 -8.53
N TYR A 165 -8.98 -6.67 -9.79
CA TYR A 165 -9.90 -6.66 -10.92
C TYR A 165 -10.95 -7.77 -10.79
N LEU A 166 -10.52 -8.97 -10.40
CA LEU A 166 -11.43 -10.07 -10.21
C LEU A 166 -12.35 -9.86 -9.02
N ALA A 167 -11.83 -9.26 -7.94
CA ALA A 167 -12.71 -8.94 -6.81
C ALA A 167 -13.83 -8.01 -7.26
N ALA A 168 -13.50 -7.01 -8.06
CA ALA A 168 -14.52 -6.11 -8.60
C ALA A 168 -15.51 -6.86 -9.48
N ARG A 169 -15.02 -7.75 -10.35
CA ARG A 169 -15.92 -8.55 -11.15
C ARG A 169 -16.87 -9.36 -10.26
N SER A 170 -16.37 -9.90 -9.15
CA SER A 170 -17.20 -10.72 -8.27
C SER A 170 -18.35 -9.92 -7.65
N LEU A 171 -18.13 -8.61 -7.51
CA LEU A 171 -19.11 -7.67 -7.01
C LEU A 171 -19.99 -7.09 -8.12
N GLY A 172 -19.70 -7.37 -9.37
CA GLY A 172 -20.55 -6.95 -10.49
C GLY A 172 -20.39 -5.51 -10.89
N GLN A 173 -19.29 -4.86 -10.51
CA GLN A 173 -19.11 -3.44 -10.81
C GLN A 173 -17.66 -3.16 -11.14
N PRO A 174 -17.39 -2.07 -11.88
CA PRO A 174 -15.97 -1.75 -12.15
C PRO A 174 -15.23 -1.40 -10.87
N PHE A 175 -13.94 -1.75 -10.85
CA PHE A 175 -13.08 -1.52 -9.71
C PHE A 175 -13.08 -0.05 -9.26
N GLU A 176 -12.89 0.85 -10.22
CA GLU A 176 -12.75 2.25 -9.89
C GLU A 176 -14.02 2.81 -9.27
N ARG A 177 -15.17 2.38 -9.79
CA ARG A 177 -16.44 2.81 -9.25
C ARG A 177 -16.64 2.29 -7.83
N LEU A 178 -16.34 1.02 -7.59
CA LEU A 178 -16.48 0.47 -6.25
C LEU A 178 -15.61 1.22 -5.26
N MET A 179 -14.38 1.52 -5.65
CA MET A 179 -13.49 2.25 -4.72
CA MET A 179 -13.46 2.20 -4.73
C MET A 179 -14.01 3.62 -4.41
N GLU A 180 -14.38 4.35 -5.46
CA GLU A 180 -14.87 5.72 -5.27
C GLU A 180 -16.14 5.84 -4.53
N GLN A 181 -17.08 4.99 -4.90
CA GLN A 181 -18.43 5.15 -4.46
C GLN A 181 -18.77 4.33 -3.25
N GLN A 182 -18.01 3.26 -2.99
CA GLN A 182 -18.26 2.41 -1.83
C GLN A 182 -17.13 2.36 -0.79
N VAL A 183 -15.90 2.08 -1.22
CA VAL A 183 -14.82 1.86 -0.25
C VAL A 183 -14.41 3.15 0.43
N PHE A 184 -14.11 4.19 -0.36
CA PHE A 184 -13.63 5.44 0.27
C PHE A 184 -14.71 6.02 1.21
N PRO A 185 -16.00 6.06 0.80
CA PRO A 185 -16.98 6.58 1.74
C PRO A 185 -17.13 5.70 2.99
N ALA A 186 -17.06 4.39 2.84
CA ALA A 186 -17.19 3.51 4.01
C ALA A 186 -16.06 3.75 5.02
N LEU A 187 -14.89 4.14 4.53
CA LEU A 187 -13.73 4.39 5.38
C LEU A 187 -13.64 5.85 5.82
N GLY A 188 -14.60 6.71 5.43
CA GLY A 188 -14.59 8.12 5.81
C GLY A 188 -13.54 8.96 5.13
N LEU A 189 -13.19 8.61 3.90
CA LEU A 189 -12.08 9.23 3.19
C LEU A 189 -12.60 10.13 2.08
N GLU A 190 -12.52 11.44 2.28
CA GLU A 190 -12.96 12.43 1.31
C GLU A 190 -11.82 13.13 0.57
N GLN A 191 -10.57 12.83 0.94
CA GLN A 191 -9.38 13.39 0.33
C GLN A 191 -8.51 12.28 -0.25
N THR A 192 -9.16 11.23 -0.76
CA THR A 192 -8.51 10.04 -1.29
C THR A 192 -9.12 9.77 -2.65
N HIS A 193 -8.29 9.66 -3.67
CA HIS A 193 -8.79 9.66 -5.06
C HIS A 193 -8.03 8.66 -5.90
N LEU A 194 -8.74 8.05 -6.83
CA LEU A 194 -8.12 7.39 -7.98
C LEU A 194 -7.93 8.36 -9.12
N ASP A 195 -8.88 9.30 -9.26
CA ASP A 195 -8.88 10.28 -10.35
C ASP A 195 -9.14 11.62 -9.67
N VAL A 196 -8.10 12.43 -9.52
CA VAL A 196 -8.20 13.64 -8.69
C VAL A 196 -9.19 14.63 -9.32
N PRO A 197 -10.20 15.08 -8.58
CA PRO A 197 -11.10 16.07 -9.18
C PRO A 197 -10.38 17.36 -9.49
N GLU A 198 -10.86 18.06 -10.50
CA GLU A 198 -10.35 19.38 -10.81
C GLU A 198 -10.31 20.28 -9.57
N ALA A 199 -11.34 20.21 -8.73
CA ALA A 199 -11.40 21.03 -7.50
C ALA A 199 -10.31 20.73 -6.47
N ALA A 200 -9.70 19.55 -6.55
CA ALA A 200 -8.64 19.13 -5.64
C ALA A 200 -7.26 19.24 -6.28
N LEU A 201 -7.17 19.57 -7.57
CA LEU A 201 -5.88 19.53 -8.26
C LEU A 201 -4.86 20.45 -7.66
N ALA A 202 -5.26 21.57 -7.08
CA ALA A 202 -4.31 22.49 -6.47
C ALA A 202 -3.57 21.84 -5.30
N GLN A 203 -4.13 20.79 -4.73
CA GLN A 203 -3.49 20.07 -3.64
CA GLN A 203 -3.48 20.08 -3.64
C GLN A 203 -2.52 18.99 -4.13
N TYR A 204 -2.53 18.65 -5.42
CA TYR A 204 -1.71 17.54 -5.92
C TYR A 204 -0.26 17.98 -6.01
N ALA A 205 0.59 17.42 -5.16
CA ALA A 205 2.01 17.72 -5.20
C ALA A 205 2.60 17.37 -6.56
N GLN A 206 3.67 18.07 -6.92
CA GLN A 206 4.51 17.65 -8.04
C GLN A 206 5.41 16.51 -7.58
N GLY A 207 5.63 15.53 -8.46
CA GLY A 207 6.66 14.52 -8.23
C GLY A 207 7.94 14.87 -8.94
N TYR A 208 9.08 14.45 -8.40
CA TYR A 208 10.37 14.84 -8.94
C TYR A 208 11.21 13.61 -9.17
N GLY A 209 11.80 13.53 -10.35
CA GLY A 209 12.76 12.50 -10.69
C GLY A 209 14.15 13.07 -10.98
N LYS A 210 14.86 12.35 -11.84
CA LYS A 210 16.20 12.69 -12.24
C LYS A 210 16.19 14.07 -12.87
N ASP A 211 17.16 14.89 -12.52
CA ASP A 211 17.26 16.29 -12.97
C ASP A 211 16.02 17.11 -12.60
N ASP A 212 15.32 16.68 -11.54
CA ASP A 212 14.05 17.25 -11.13
C ASP A 212 13.00 17.28 -12.23
N ARG A 213 13.05 16.30 -13.12
CA ARG A 213 11.99 16.16 -14.08
C ARG A 213 10.68 15.99 -13.33
N PRO A 214 9.61 16.65 -13.80
CA PRO A 214 8.31 16.55 -13.11
C PRO A 214 7.62 15.27 -13.51
N LEU A 215 7.10 14.57 -12.52
CA LEU A 215 6.54 13.23 -12.73
C LEU A 215 5.28 13.04 -11.92
N ARG A 216 4.12 13.13 -12.59
CA ARG A 216 2.87 12.64 -12.06
C ARG A 216 2.47 11.44 -12.89
N VAL A 217 1.94 10.42 -12.22
CA VAL A 217 1.77 9.14 -12.87
C VAL A 217 0.78 9.18 -14.03
N GLY A 218 1.16 8.54 -15.12
CA GLY A 218 0.32 8.43 -16.30
C GLY A 218 -0.44 7.13 -16.32
N PRO A 219 -1.32 6.98 -17.32
CA PRO A 219 -2.13 5.78 -17.39
C PRO A 219 -1.31 4.53 -17.62
N GLY A 220 -1.74 3.45 -16.99
CA GLY A 220 -1.13 2.13 -17.22
C GLY A 220 -2.11 1.03 -16.91
N PRO A 221 -1.81 -0.17 -17.38
CA PRO A 221 -2.71 -1.29 -17.18
C PRO A 221 -2.87 -1.64 -15.69
N LEU A 222 -4.13 -1.75 -15.28
CA LEU A 222 -4.49 -1.99 -13.87
C LEU A 222 -3.80 -1.02 -12.92
N ASP A 223 -3.67 0.23 -13.37
CA ASP A 223 -3.12 1.27 -12.53
C ASP A 223 -3.96 1.50 -11.27
N ALA A 224 -5.27 1.51 -11.41
CA ALA A 224 -6.10 1.80 -10.23
C ALA A 224 -5.86 0.75 -9.13
N GLU A 225 -5.89 -0.52 -9.54
CA GLU A 225 -5.74 -1.64 -8.62
C GLU A 225 -4.36 -1.69 -7.99
N GLY A 226 -3.33 -1.36 -8.77
CA GLY A 226 -1.97 -1.54 -8.31
C GLY A 226 -1.35 -0.35 -7.61
N TYR A 227 -1.64 0.83 -8.09
CA TYR A 227 -0.86 1.98 -7.68
C TYR A 227 -1.55 3.29 -7.85
N GLY A 228 -2.89 3.30 -7.91
CA GLY A 228 -3.58 4.50 -8.38
C GLY A 228 -4.04 5.52 -7.37
N VAL A 229 -3.84 5.29 -6.08
CA VAL A 229 -4.39 6.22 -5.09
C VAL A 229 -3.50 7.45 -4.91
N LYS A 230 -4.16 8.61 -4.89
CA LYS A 230 -3.56 9.87 -4.45
C LYS A 230 -4.32 10.31 -3.20
N THR A 231 -3.61 10.60 -2.11
CA THR A 231 -4.24 10.92 -0.84
C THR A 231 -3.34 11.84 -0.05
N SER A 232 -3.92 12.43 0.97
CA SER A 232 -3.18 13.27 1.89
C SER A 232 -2.67 12.46 3.07
N ALA A 233 -1.71 13.03 3.80
CA ALA A 233 -1.25 12.36 5.01
C ALA A 233 -2.38 12.23 6.01
N ALA A 234 -3.23 13.24 6.14
CA ALA A 234 -4.33 13.15 7.06
C ALA A 234 -5.31 12.04 6.68
N ASP A 235 -5.66 11.90 5.39
CA ASP A 235 -6.58 10.82 5.02
C ASP A 235 -5.93 9.46 5.14
N LEU A 236 -4.66 9.35 4.77
CA LEU A 236 -4.02 8.05 4.88
C LEU A 236 -3.92 7.64 6.35
N LEU A 237 -3.73 8.58 7.26
CA LEU A 237 -3.75 8.25 8.68
C LEU A 237 -5.15 7.81 9.11
N ARG A 238 -6.21 8.41 8.56
CA ARG A 238 -7.56 7.89 8.83
C ARG A 238 -7.68 6.42 8.43
N PHE A 239 -7.09 6.05 7.30
CA PHE A 239 -7.09 4.66 6.87
C PHE A 239 -6.29 3.78 7.84
N VAL A 240 -5.14 4.28 8.31
CA VAL A 240 -4.39 3.53 9.32
C VAL A 240 -5.21 3.36 10.60
N ASP A 241 -5.89 4.40 11.03
CA ASP A 241 -6.73 4.32 12.22
C ASP A 241 -7.88 3.34 12.05
N ALA A 242 -8.44 3.24 10.84
CA ALA A 242 -9.43 2.22 10.56
C ALA A 242 -8.83 0.83 10.71
N ASN A 243 -7.61 0.65 10.20
CA ASN A 243 -6.88 -0.61 10.38
C ASN A 243 -6.57 -0.94 11.83
N LEU A 244 -6.25 0.07 12.63
CA LEU A 244 -5.98 -0.10 14.06
C LEU A 244 -7.25 -0.44 14.85
N HIS A 245 -8.42 0.01 14.37
CA HIS A 245 -9.69 -0.19 15.06
C HIS A 245 -10.81 -0.55 14.12
N PRO A 246 -10.74 -1.73 13.49
CA PRO A 246 -11.80 -2.11 12.54
C PRO A 246 -13.18 -2.15 13.18
N GLU A 247 -13.20 -2.47 14.48
CA GLU A 247 -14.43 -2.61 15.24
C GLU A 247 -15.22 -1.32 15.31
N ARG A 248 -14.61 -0.19 14.99
CA ARG A 248 -15.33 1.06 14.99
C ARG A 248 -16.17 1.29 13.76
N LEU A 249 -15.96 0.48 12.71
CA LEU A 249 -16.70 0.64 11.47
C LEU A 249 -17.90 -0.26 11.47
N ASP A 250 -18.86 0.08 10.63
CA ASP A 250 -19.97 -0.80 10.33
C ASP A 250 -19.45 -2.23 9.99
N ARG A 251 -20.12 -3.26 10.49
CA ARG A 251 -19.57 -4.62 10.56
C ARG A 251 -19.04 -5.18 9.22
N PRO A 252 -19.75 -4.93 8.09
CA PRO A 252 -19.23 -5.45 6.82
C PRO A 252 -17.82 -4.92 6.49
N TRP A 253 -17.60 -3.66 6.83
CA TRP A 253 -16.31 -3.03 6.58
C TRP A 253 -15.27 -3.39 7.63
N ALA A 254 -15.71 -3.63 8.86
CA ALA A 254 -14.81 -4.17 9.88
C ALA A 254 -14.22 -5.50 9.41
N GLN A 255 -15.09 -6.37 8.90
CA GLN A 255 -14.67 -7.68 8.42
C GLN A 255 -13.75 -7.55 7.21
N ALA A 256 -14.02 -6.59 6.33
CA ALA A 256 -13.15 -6.36 5.18
C ALA A 256 -11.73 -5.99 5.61
N LEU A 257 -11.63 -5.10 6.59
CA LEU A 257 -10.33 -4.70 7.11
C LEU A 257 -9.64 -5.88 7.80
N ASP A 258 -10.39 -6.64 8.59
CA ASP A 258 -9.82 -7.79 9.30
CA ASP A 258 -9.80 -7.76 9.28
C ASP A 258 -9.21 -8.79 8.31
N ALA A 259 -9.81 -8.95 7.13
CA ALA A 259 -9.32 -9.88 6.12
C ALA A 259 -7.92 -9.51 5.61
N THR A 260 -7.53 -8.25 5.79
CA THR A 260 -6.20 -7.79 5.41
C THR A 260 -5.17 -7.97 6.53
N HIS A 261 -5.60 -8.57 7.64
CA HIS A 261 -4.74 -8.78 8.80
C HIS A 261 -4.55 -10.27 9.07
N ARG A 262 -4.34 -11.02 8.00
CA ARG A 262 -4.20 -12.48 8.07
C ARG A 262 -3.00 -12.86 7.23
N GLY A 263 -2.05 -13.55 7.85
CA GLY A 263 -0.81 -13.93 7.18
C GLY A 263 -0.88 -15.34 6.66
N TYR A 264 -0.32 -15.55 5.47
CA TYR A 264 -0.41 -16.83 4.77
C TYR A 264 0.89 -17.59 4.68
N TYR A 265 2.01 -16.89 4.65
CA TYR A 265 3.31 -17.53 4.53
C TYR A 265 4.36 -16.54 5.02
N LYS A 266 5.57 -17.04 5.23
CA LYS A 266 6.69 -16.22 5.57
C LYS A 266 7.79 -16.28 4.51
N VAL A 267 8.49 -15.16 4.35
CA VAL A 267 9.74 -15.09 3.61
C VAL A 267 10.66 -14.30 4.51
N GLY A 268 11.75 -14.93 4.94
CA GLY A 268 12.63 -14.25 5.89
C GLY A 268 11.86 -13.87 7.14
N ASP A 269 11.99 -12.63 7.55
CA ASP A 269 11.31 -12.13 8.74
C ASP A 269 9.87 -11.65 8.46
N MET A 270 9.48 -11.65 7.19
CA MET A 270 8.21 -11.05 6.79
C MET A 270 7.11 -12.10 6.66
N THR A 271 5.93 -11.77 7.19
CA THR A 271 4.72 -12.58 6.98
C THR A 271 3.79 -11.83 6.03
N GLN A 272 3.39 -12.49 4.94
CA GLN A 272 2.64 -11.84 3.89
C GLN A 272 1.13 -11.97 4.12
N GLY A 273 0.44 -10.82 4.22
CA GLY A 273 -1.02 -10.76 4.23
C GLY A 273 -1.55 -10.31 2.87
N LEU A 274 -2.83 -9.95 2.86
CA LEU A 274 -3.43 -9.32 1.68
C LEU A 274 -3.06 -7.84 1.75
N GLY A 275 -2.14 -7.41 0.89
CA GLY A 275 -1.63 -6.04 0.91
C GLY A 275 -0.55 -5.83 1.95
N TRP A 276 -0.93 -5.92 3.21
CA TRP A 276 0.02 -5.69 4.30
C TRP A 276 1.08 -6.80 4.40
N GLU A 277 2.26 -6.36 4.81
CA GLU A 277 3.40 -7.25 5.10
C GLU A 277 3.77 -7.01 6.57
N ALA A 278 3.98 -8.07 7.34
CA ALA A 278 4.13 -7.96 8.78
C ALA A 278 5.44 -8.52 9.29
N TYR A 279 5.87 -7.96 10.42
CA TYR A 279 7.08 -8.35 11.15
C TYR A 279 6.75 -8.48 12.61
N ASP A 280 7.52 -9.31 13.32
CA ASP A 280 7.48 -9.23 14.77
C ASP A 280 8.02 -7.89 15.20
N TRP A 281 7.52 -7.41 16.34
CA TRP A 281 7.91 -6.08 16.85
C TRP A 281 8.14 -6.22 18.34
N PRO A 282 9.32 -5.88 18.86
CA PRO A 282 10.41 -5.22 18.17
C PRO A 282 11.20 -6.13 17.24
N ILE A 283 11.86 -5.49 16.30
CA ILE A 283 12.82 -6.14 15.42
C ILE A 283 13.86 -5.07 15.10
N SER A 284 15.06 -5.49 14.70
CA SER A 284 16.09 -4.54 14.41
C SER A 284 15.77 -3.72 13.16
N LEU A 285 16.33 -2.52 13.11
CA LEU A 285 16.22 -1.67 11.93
C LEU A 285 16.78 -2.38 10.72
N LYS A 286 17.96 -3.01 10.84
CA LYS A 286 18.52 -3.68 9.68
C LYS A 286 17.58 -4.75 9.15
N ARG A 287 16.93 -5.51 10.02
CA ARG A 287 16.01 -6.56 9.54
C ARG A 287 14.79 -5.97 8.87
N LEU A 288 14.26 -4.86 9.39
CA LEU A 288 13.10 -4.21 8.76
C LEU A 288 13.49 -3.63 7.42
N GLN A 289 14.69 -3.08 7.31
CA GLN A 289 15.19 -2.65 6.01
C GLN A 289 15.33 -3.82 5.05
N ALA A 290 15.86 -4.95 5.54
CA ALA A 290 16.08 -6.10 4.68
C ALA A 290 14.76 -6.67 4.15
N GLY A 291 13.72 -6.64 4.97
CA GLY A 291 12.41 -7.13 4.51
C GLY A 291 11.80 -6.24 3.42
N ASN A 292 12.24 -4.99 3.37
CA ASN A 292 11.82 -4.00 2.38
C ASN A 292 12.91 -3.67 1.37
N SER A 293 13.81 -4.63 1.15
CA SER A 293 14.97 -4.41 0.30
C SER A 293 14.68 -4.60 -1.17
N THR A 294 15.64 -4.19 -1.98
CA THR A 294 15.52 -4.38 -3.41
C THR A 294 15.48 -5.86 -3.78
N PRO A 295 16.34 -6.73 -3.22
CA PRO A 295 16.17 -8.15 -3.53
C PRO A 295 14.82 -8.74 -3.15
N MET A 296 14.25 -8.32 -2.03
CA MET A 296 12.93 -8.78 -1.65
C MET A 296 11.90 -8.41 -2.68
N ALA A 297 12.01 -7.23 -3.24
CA ALA A 297 11.06 -6.74 -4.21
C ALA A 297 11.26 -7.32 -5.59
N LEU A 298 12.52 -7.66 -5.95
CA LEU A 298 12.84 -7.99 -7.32
C LEU A 298 13.15 -9.44 -7.65
N GLN A 299 13.43 -10.26 -6.65
CA GLN A 299 13.84 -11.65 -6.89
C GLN A 299 12.77 -12.60 -6.35
N PRO A 300 12.66 -13.80 -6.95
CA PRO A 300 11.74 -14.78 -6.39
C PRO A 300 12.29 -15.36 -5.10
N HIS A 301 11.39 -15.65 -4.17
CA HIS A 301 11.77 -16.28 -2.91
C HIS A 301 10.83 -17.42 -2.61
N ARG A 302 11.37 -18.59 -2.29
CA ARG A 302 10.56 -19.69 -1.86
C ARG A 302 9.82 -19.33 -0.57
N ILE A 303 8.54 -19.61 -0.55
CA ILE A 303 7.74 -19.28 0.65
C ILE A 303 7.73 -20.42 1.66
N ALA A 304 7.51 -20.06 2.93
CA ALA A 304 7.27 -21.04 3.99
C ALA A 304 5.81 -20.90 4.39
N ARG A 305 4.95 -21.78 3.86
CA ARG A 305 3.52 -21.65 4.05
C ARG A 305 3.14 -21.94 5.51
N LEU A 306 2.24 -21.12 6.07
CA LEU A 306 1.73 -21.37 7.38
C LEU A 306 0.65 -22.46 7.35
N PRO A 307 0.59 -23.34 8.36
CA PRO A 307 -0.44 -24.39 8.39
C PRO A 307 -1.86 -23.84 8.52
N ALA A 308 -2.00 -22.67 9.13
CA ALA A 308 -3.27 -21.98 9.17
C ALA A 308 -2.96 -20.48 9.07
N PRO A 309 -3.90 -19.70 8.53
CA PRO A 309 -3.59 -18.27 8.44
C PRO A 309 -3.36 -17.69 9.84
N GLN A 310 -2.43 -16.77 9.96
CA GLN A 310 -2.06 -16.21 11.25
C GLN A 310 -2.58 -14.80 11.43
N ALA A 311 -3.12 -14.50 12.59
CA ALA A 311 -3.61 -13.15 12.85
C ALA A 311 -2.44 -12.18 12.93
N LEU A 312 -2.51 -11.11 12.15
CA LEU A 312 -1.48 -10.09 12.10
C LEU A 312 -1.89 -8.98 13.04
N GLU A 313 -1.60 -9.21 14.32
CA GLU A 313 -2.05 -8.36 15.41
C GLU A 313 -1.04 -8.45 16.56
N GLY A 314 -1.28 -7.74 17.65
CA GLY A 314 -0.43 -7.87 18.82
C GLY A 314 0.94 -7.22 18.60
N GLN A 315 1.97 -7.99 18.94
CA GLN A 315 3.36 -7.54 18.92
C GLN A 315 3.93 -7.68 17.51
N ARG A 316 3.38 -6.88 16.61
CA ARG A 316 3.75 -6.92 15.20
C ARG A 316 3.73 -5.52 14.64
N LEU A 317 4.51 -5.34 13.58
CA LEU A 317 4.47 -4.14 12.77
CA LEU A 317 4.49 -4.14 12.76
C LEU A 317 3.96 -4.55 11.40
N LEU A 318 2.87 -3.91 10.96
CA LEU A 318 2.36 -4.10 9.60
C LEU A 318 2.80 -2.91 8.78
N ASN A 319 3.23 -3.14 7.55
CA ASN A 319 3.75 -2.04 6.74
C ASN A 319 3.46 -2.24 5.29
N LYS A 320 3.65 -1.16 4.53
CA LYS A 320 3.69 -1.25 3.08
C LYS A 320 4.46 -0.05 2.54
N THR A 321 5.39 -0.31 1.64
CA THR A 321 6.02 0.72 0.84
C THR A 321 5.21 0.97 -0.43
N GLY A 322 5.35 2.17 -0.98
CA GLY A 322 4.73 2.45 -2.29
C GLY A 322 5.54 3.46 -3.04
N SER A 323 5.70 3.22 -4.33
CA SER A 323 6.50 4.07 -5.18
C SER A 323 5.85 4.28 -6.53
N THR A 324 6.03 5.49 -7.03
CA THR A 324 5.82 5.79 -8.44
C THR A 324 7.07 6.47 -8.93
N ASN A 325 7.13 6.82 -10.20
CA ASN A 325 8.38 7.39 -10.68
C ASN A 325 8.73 8.67 -9.94
N GLY A 326 7.74 9.43 -9.48
CA GLY A 326 7.97 10.70 -8.78
C GLY A 326 7.78 10.73 -7.29
N PHE A 327 7.32 9.63 -6.67
CA PHE A 327 6.87 9.68 -5.28
C PHE A 327 7.32 8.44 -4.52
N GLY A 328 7.47 8.63 -3.21
CA GLY A 328 7.84 7.53 -2.32
C GLY A 328 7.07 7.62 -1.01
N ALA A 329 6.29 6.59 -0.71
CA ALA A 329 5.41 6.51 0.43
C ALA A 329 5.79 5.32 1.31
N TYR A 330 5.45 5.42 2.60
CA TYR A 330 5.60 4.31 3.53
C TYR A 330 4.54 4.47 4.62
N VAL A 331 3.93 3.35 4.97
CA VAL A 331 2.95 3.31 6.06
C VAL A 331 3.31 2.14 6.97
N ALA A 332 3.19 2.36 8.28
CA ALA A 332 3.42 1.28 9.23
C ALA A 332 2.56 1.47 10.44
N PHE A 333 2.12 0.38 11.06
CA PHE A 333 1.35 0.48 12.30
C PHE A 333 1.57 -0.75 13.15
N VAL A 334 1.35 -0.56 14.46
CA VAL A 334 1.59 -1.59 15.46
C VAL A 334 0.26 -1.85 16.16
N PRO A 335 -0.46 -2.91 15.76
CA PRO A 335 -1.81 -3.13 16.31
C PRO A 335 -1.87 -3.11 17.82
N GLY A 336 -0.92 -3.81 18.46
CA GLY A 336 -0.98 -3.96 19.91
C GLY A 336 -0.54 -2.77 20.72
N ARG A 337 -0.12 -1.69 20.05
CA ARG A 337 0.27 -0.45 20.71
C ARG A 337 -0.57 0.73 20.28
N ASP A 338 -1.55 0.53 19.39
CA ASP A 338 -2.40 1.65 18.92
C ASP A 338 -1.51 2.76 18.37
N LEU A 339 -0.54 2.39 17.54
CA LEU A 339 0.44 3.30 16.99
CA LEU A 339 0.46 3.33 16.95
C LEU A 339 0.39 3.21 15.47
N GLY A 340 0.36 4.34 14.77
CA GLY A 340 0.32 4.36 13.31
C GLY A 340 1.17 5.48 12.78
N LEU A 341 1.73 5.30 11.58
CA LEU A 341 2.60 6.25 10.97
CA LEU A 341 2.40 6.41 10.93
C LEU A 341 2.40 6.27 9.45
N VAL A 342 2.42 7.45 8.85
CA VAL A 342 2.41 7.65 7.42
C VAL A 342 3.54 8.62 7.09
N ILE A 343 4.30 8.31 6.03
CA ILE A 343 5.36 9.19 5.56
C ILE A 343 5.22 9.28 4.05
N LEU A 344 4.86 10.45 3.53
CA LEU A 344 4.60 10.66 2.11
C LEU A 344 5.57 11.68 1.56
N ALA A 345 6.26 11.35 0.47
CA ALA A 345 7.24 12.24 -0.14
C ALA A 345 7.04 12.33 -1.62
N ASN A 346 7.50 13.45 -2.19
CA ASN A 346 7.44 13.70 -3.63
C ASN A 346 8.78 13.53 -4.35
N ARG A 347 9.54 12.53 -3.87
CA ARG A 347 10.60 11.89 -4.65
C ARG A 347 10.55 10.41 -4.30
N ASN A 348 10.84 9.56 -5.28
CA ASN A 348 11.02 8.13 -5.02
C ASN A 348 12.43 7.94 -4.51
N TYR A 349 12.56 7.83 -3.20
CA TYR A 349 13.84 7.70 -2.51
C TYR A 349 13.87 6.29 -1.90
N PRO A 350 15.05 5.76 -1.57
CA PRO A 350 15.11 4.32 -1.27
C PRO A 350 14.26 3.88 -0.09
N ASN A 351 13.69 2.69 -0.21
CA ASN A 351 12.93 2.13 0.89
C ASN A 351 13.73 2.10 2.19
N ALA A 352 15.03 1.82 2.11
CA ALA A 352 15.85 1.77 3.32
C ALA A 352 15.77 3.07 4.10
N GLU A 353 15.73 4.18 3.37
CA GLU A 353 15.66 5.51 3.98
C GLU A 353 14.28 5.83 4.55
N ARG A 354 13.23 5.35 3.89
CA ARG A 354 11.87 5.49 4.43
C ARG A 354 11.76 4.77 5.77
N VAL A 355 12.31 3.56 5.80
CA VAL A 355 12.28 2.75 6.99
C VAL A 355 13.13 3.38 8.11
N LYS A 356 14.25 4.01 7.74
CA LYS A 356 15.08 4.74 8.71
C LYS A 356 14.26 5.81 9.41
N ILE A 357 13.50 6.62 8.66
CA ILE A 357 12.67 7.64 9.29
C ILE A 357 11.66 6.97 10.23
N ALA A 358 10.94 5.97 9.70
CA ALA A 358 9.89 5.34 10.47
C ALA A 358 10.38 4.71 11.75
N TYR A 359 11.52 4.04 11.65
CA TYR A 359 12.05 3.31 12.80
C TYR A 359 12.43 4.26 13.91
N ALA A 360 13.05 5.37 13.55
CA ALA A 360 13.42 6.37 14.54
C ALA A 360 12.19 6.89 15.27
N ILE A 361 11.13 7.17 14.52
CA ILE A 361 9.90 7.68 15.14
C ILE A 361 9.26 6.59 16.02
N LEU A 362 9.05 5.40 15.47
CA LEU A 362 8.33 4.36 16.21
C LEU A 362 9.08 3.94 17.45
N SER A 363 10.40 3.84 17.35
CA SER A 363 11.23 3.52 18.51
C SER A 363 11.19 4.59 19.58
N GLY A 364 11.11 5.86 19.17
CA GLY A 364 11.03 6.98 20.11
C GLY A 364 9.66 7.19 20.72
N LEU A 365 8.62 6.67 20.07
CA LEU A 365 7.30 6.59 20.70
C LEU A 365 7.22 5.43 21.71
N GLU A 366 7.98 4.35 21.49
CA GLU A 366 8.10 3.27 22.49
C GLU A 366 8.79 3.77 23.76
N GLN A 367 9.88 4.53 23.58
CA GLN A 367 10.65 5.10 24.68
C GLN A 367 10.15 6.48 25.07
B PBC B . 4.60 -0.41 -6.02
O1 PBC B . 5.63 -1.20 -5.27
O2 PBC B . 4.75 1.04 -5.73
CG1 PBC B . 5.02 -2.31 -9.46
CD1 PBC B . 4.43 -1.43 -10.36
CG2 PBC B . 3.93 -0.23 -9.91
CB2 PBC B . 3.97 0.07 -8.54
CA PBC B . 4.61 -0.75 -7.58
CB1 PBC B . 5.07 -1.98 -8.10
CL CL C . 2.59 -2.50 -13.94
#